data_3SF6
#
_entry.id   3SF6
#
_cell.length_a   130.000
_cell.length_b   130.000
_cell.length_c   101.930
_cell.angle_alpha   90.000
_cell.angle_beta   90.000
_cell.angle_gamma   90.000
#
_symmetry.space_group_name_H-M   'I 41 2 2'
#
loop_
_entity.id
_entity.type
_entity.pdbx_description
1 polymer 'Glutaryl-CoA dehydrogenase'
2 non-polymer 'DIHYDROFLAVINE-ADENINE DINUCLEOTIDE'
3 non-polymer 'UNKNOWN LIGAND'
4 non-polymer 1,2-ETHANEDIOL
5 non-polymer 'SULFATE ION'
6 non-polymer 'CHLORIDE ION'
7 water water
#
_entity_poly.entity_id   1
_entity_poly.type   'polypeptide(L)'
_entity_poly.pdbx_seq_one_letter_code
;GPGSMTNSAVAQPRSQRRGADDLIGINAVLSAEEREIRDTVRSVVQRRIKPHIASWYEDGELPARELAVELGELGLLGMH
LKGYGCAGMSAVAYGLACLELEAGDSGIRSLVSVQGSLAMYAIHAFGSDEQKDQWLPDMASGHRIGCFGLTEPDHGSDPA
GMRTRATRSGDDWILTGTKMWITNGSVADVAVVWARTDEGIRGFVVPTDTPGFTANTIKSKMSLRASVTSELVLDGVRLP
DSARLPGATSLGAPLRCLNEARFGIVFGALGAARDCLETALAYACSREQFDRPIGGFQLTQQKLADMTLEYGKGFLLALH
LGRQKDAGELAPEQVSLGKLNNVREAIEIARTARTVLGASGITGEYPVMRHANNLESVLTYEGTSEMHTLIIGQALTGVG
AFR
;
_entity_poly.pdbx_strand_id   A
#
# COMPACT_ATOMS: atom_id res chain seq x y z
N ARG A 17 -5.54 -21.90 25.51
CA ARG A 17 -5.79 -21.08 24.26
C ARG A 17 -4.46 -20.86 23.52
N ARG A 18 -4.41 -21.23 22.23
CA ARG A 18 -3.25 -20.94 21.37
C ARG A 18 -3.63 -19.77 20.47
N GLY A 19 -2.82 -18.72 20.38
CA GLY A 19 -3.05 -17.64 19.40
C GLY A 19 -2.88 -18.13 17.96
N ALA A 20 -3.31 -17.32 16.98
CA ALA A 20 -3.25 -17.76 15.60
C ALA A 20 -1.82 -17.95 15.11
N ASP A 21 -0.95 -16.98 15.40
CA ASP A 21 0.45 -17.13 14.95
C ASP A 21 1.11 -18.37 15.58
N ASP A 22 0.81 -18.66 16.84
CA ASP A 22 1.37 -19.81 17.52
C ASP A 22 0.85 -21.09 16.89
N LEU A 23 -0.46 -21.12 16.59
CA LEU A 23 -1.06 -22.31 15.99
C LEU A 23 -0.48 -22.54 14.59
N ILE A 24 -0.30 -21.47 13.83
CA ILE A 24 0.28 -21.58 12.46
C ILE A 24 1.76 -21.94 12.54
N GLY A 25 2.46 -21.42 13.55
CA GLY A 25 3.91 -21.61 13.75
C GLY A 25 4.75 -20.70 12.89
N ILE A 26 4.53 -19.41 12.97
CA ILE A 26 5.19 -18.45 12.09
C ILE A 26 6.64 -18.19 12.42
N ASN A 27 6.97 -17.98 13.71
CA ASN A 27 8.35 -17.62 14.05
C ASN A 27 9.38 -18.62 13.59
N ALA A 28 8.99 -19.90 13.57
CA ALA A 28 9.91 -20.96 13.20
C ALA A 28 10.28 -20.97 11.73
N VAL A 29 9.50 -20.30 10.87
CA VAL A 29 9.89 -20.18 9.46
C VAL A 29 10.49 -18.84 9.03
N LEU A 30 10.82 -18.01 10.03
CA LEU A 30 11.52 -16.74 9.85
C LEU A 30 12.89 -16.82 10.48
N SER A 31 13.79 -15.95 10.03
CA SER A 31 15.11 -15.81 10.63
C SER A 31 15.06 -14.83 11.81
N ALA A 32 16.11 -14.86 12.61
CA ALA A 32 16.23 -13.92 13.74
C ALA A 32 16.30 -12.47 13.20
N GLU A 33 16.98 -12.26 12.06
CA GLU A 33 17.05 -10.93 11.44
C GLU A 33 15.68 -10.44 11.02
N GLU A 34 14.91 -11.32 10.42
CA GLU A 34 13.55 -11.01 9.99
C GLU A 34 12.62 -10.70 11.18
N ARG A 35 12.70 -11.53 12.22
CA ARG A 35 11.91 -11.33 13.41
C ARG A 35 12.29 -10.00 14.09
N GLU A 36 13.58 -9.67 14.14
CA GLU A 36 14.00 -8.40 14.71
C GLU A 36 13.40 -7.18 13.98
N ILE A 37 13.41 -7.20 12.65
CA ILE A 37 12.84 -6.10 11.88
C ILE A 37 11.34 -6.00 12.15
N ARG A 38 10.67 -7.16 12.11
CA ARG A 38 9.26 -7.24 12.40
C ARG A 38 8.93 -6.63 13.78
N ASP A 39 9.69 -7.02 14.78
CA ASP A 39 9.48 -6.58 16.14
C ASP A 39 9.71 -5.08 16.28
N THR A 40 10.73 -4.59 15.59
CA THR A 40 11.06 -3.15 15.60
C THR A 40 9.90 -2.32 15.02
N VAL A 41 9.36 -2.76 13.90
CA VAL A 41 8.26 -2.06 13.29
C VAL A 41 7.00 -2.18 14.14
N ARG A 42 6.76 -3.36 14.70
CA ARG A 42 5.60 -3.52 15.60
C ARG A 42 5.66 -2.50 16.74
N SER A 43 6.84 -2.32 17.32
CA SER A 43 6.99 -1.38 18.44
C SER A 43 6.72 0.05 18.00
N VAL A 44 7.20 0.42 16.81
CA VAL A 44 6.90 1.74 16.24
C VAL A 44 5.39 1.94 16.08
N VAL A 45 4.71 0.91 15.58
CA VAL A 45 3.28 1.00 15.39
C VAL A 45 2.54 1.14 16.70
N GLN A 46 2.92 0.34 17.68
CA GLN A 46 2.24 0.37 18.98
CA GLN A 46 2.24 0.37 18.99
C GLN A 46 2.46 1.73 19.66
N ARG A 47 3.63 2.32 19.47
CA ARG A 47 3.97 3.57 20.16
C ARG A 47 3.53 4.85 19.45
N ARG A 48 3.64 4.87 18.12
CA ARG A 48 3.52 6.10 17.35
C ARG A 48 2.26 6.14 16.50
N ILE A 49 1.60 5.00 16.30
CA ILE A 49 0.43 4.97 15.39
C ILE A 49 -0.84 4.60 16.12
N LYS A 50 -0.82 3.50 16.85
CA LYS A 50 -2.03 3.02 17.51
C LYS A 50 -2.68 4.01 18.51
N PRO A 51 -1.88 4.81 19.26
CA PRO A 51 -2.56 5.70 20.18
C PRO A 51 -3.36 6.82 19.52
N HIS A 52 -3.05 7.15 18.26
CA HIS A 52 -3.65 8.29 17.57
C HIS A 52 -4.62 7.88 16.44
N ILE A 53 -4.56 6.62 15.99
CA ILE A 53 -5.18 6.29 14.72
C ILE A 53 -6.69 6.43 14.71
N ALA A 54 -7.36 6.10 15.82
CA ALA A 54 -8.82 6.23 15.85
C ALA A 54 -9.21 7.70 15.56
N SER A 55 -8.49 8.63 16.20
CA SER A 55 -8.74 10.07 16.02
CA SER A 55 -8.73 10.06 16.04
C SER A 55 -8.41 10.55 14.62
N TRP A 56 -7.24 10.13 14.08
CA TRP A 56 -6.88 10.52 12.72
C TRP A 56 -7.94 10.03 11.74
N TYR A 57 -8.39 8.78 11.91
CA TYR A 57 -9.34 8.20 10.99
C TYR A 57 -10.69 8.95 11.07
N GLU A 58 -11.16 9.17 12.28
CA GLU A 58 -12.43 9.88 12.46
CA GLU A 58 -12.41 9.87 12.46
C GLU A 58 -12.39 11.27 11.84
N ASP A 59 -11.30 11.99 12.09
CA ASP A 59 -11.14 13.36 11.62
C ASP A 59 -10.91 13.47 10.13
N GLY A 60 -10.38 12.38 9.55
CA GLY A 60 -9.96 12.33 8.15
C GLY A 60 -8.80 13.24 7.88
N GLU A 61 -7.97 13.44 8.90
CA GLU A 61 -6.85 14.37 8.86
C GLU A 61 -5.76 13.76 9.72
N LEU A 62 -4.51 13.88 9.28
CA LEU A 62 -3.39 13.41 10.07
C LEU A 62 -2.20 14.29 9.76
N PRO A 63 -1.23 14.36 10.69
CA PRO A 63 -0.03 15.17 10.46
C PRO A 63 0.91 14.44 9.52
N ALA A 64 0.53 14.35 8.26
CA ALA A 64 1.23 13.49 7.33
C ALA A 64 2.71 13.89 7.17
N ARG A 65 2.96 15.19 7.06
CA ARG A 65 4.36 15.66 6.88
C ARG A 65 5.23 15.31 8.07
N GLU A 66 4.72 15.55 9.29
CA GLU A 66 5.46 15.23 10.48
C GLU A 66 5.63 13.71 10.60
N LEU A 67 4.59 12.96 10.26
CA LEU A 67 4.68 11.51 10.34
C LEU A 67 5.70 10.93 9.35
N ALA A 68 5.74 11.47 8.15
CA ALA A 68 6.73 11.02 7.16
C ALA A 68 8.14 11.19 7.70
N VAL A 69 8.43 12.34 8.33
CA VAL A 69 9.74 12.55 8.93
C VAL A 69 10.03 11.50 9.99
N GLU A 70 9.06 11.27 10.87
CA GLU A 70 9.22 10.27 11.92
C GLU A 70 9.56 8.90 11.34
N LEU A 71 8.78 8.47 10.36
CA LEU A 71 8.96 7.15 9.76
C LEU A 71 10.28 7.06 8.99
N GLY A 72 10.62 8.12 8.27
CA GLY A 72 11.88 8.14 7.52
C GLY A 72 13.08 8.06 8.43
N GLU A 73 13.06 8.86 9.50
CA GLU A 73 14.16 8.87 10.44
C GLU A 73 14.28 7.54 11.17
N LEU A 74 13.18 6.77 11.23
CA LEU A 74 13.17 5.41 11.78
C LEU A 74 13.60 4.34 10.77
N GLY A 75 13.84 4.74 9.52
CA GLY A 75 14.35 3.80 8.50
C GLY A 75 13.26 3.07 7.71
N LEU A 76 12.04 3.59 7.82
CA LEU A 76 10.85 2.89 7.29
C LEU A 76 10.38 3.36 5.91
N LEU A 77 11.10 4.28 5.28
CA LEU A 77 10.77 4.76 3.93
C LEU A 77 11.82 4.28 2.96
N GLY A 78 11.38 3.57 1.94
CA GLY A 78 12.30 2.99 0.98
C GLY A 78 12.95 1.73 1.49
N MET A 79 12.25 1.01 2.37
CA MET A 79 12.85 -0.15 3.06
C MET A 79 13.49 -1.19 2.16
N HIS A 80 12.87 -1.46 0.99
CA HIS A 80 13.33 -2.51 0.13
C HIS A 80 14.31 -2.00 -0.93
N LEU A 81 14.62 -0.70 -0.90
CA LEU A 81 15.55 -0.12 -1.88
C LEU A 81 16.94 -0.10 -1.29
N LYS A 82 17.92 -0.11 -2.17
CA LYS A 82 19.33 -0.07 -1.78
CA LYS A 82 19.33 -0.07 -1.77
C LYS A 82 19.94 1.31 -2.01
N GLY A 83 20.73 1.76 -1.06
CA GLY A 83 21.44 3.03 -1.21
C GLY A 83 20.61 4.24 -0.79
N TYR A 84 21.23 5.43 -0.88
CA TYR A 84 20.51 6.71 -0.64
C TYR A 84 19.89 6.83 0.76
N GLY A 85 20.45 6.17 1.75
CA GLY A 85 19.91 6.18 3.10
C GLY A 85 18.82 5.15 3.36
N CYS A 86 18.51 4.32 2.37
CA CYS A 86 17.43 3.30 2.51
C CYS A 86 17.96 2.06 3.21
N ALA A 87 17.06 1.29 3.80
CA ALA A 87 17.41 0.11 4.65
C ALA A 87 18.01 -1.05 3.88
N GLY A 88 17.65 -1.20 2.60
CA GLY A 88 18.16 -2.34 1.82
C GLY A 88 17.81 -3.68 2.40
N MET A 89 16.64 -3.79 3.02
CA MET A 89 16.28 -5.05 3.65
C MET A 89 15.75 -6.06 2.60
N SER A 90 15.64 -7.32 3.02
CA SER A 90 15.13 -8.36 2.10
C SER A 90 13.68 -8.19 1.82
N ALA A 91 13.21 -8.89 0.76
CA ALA A 91 11.79 -8.88 0.43
C ALA A 91 10.96 -9.40 1.58
N VAL A 92 11.40 -10.50 2.19
CA VAL A 92 10.64 -11.04 3.33
C VAL A 92 10.60 -10.04 4.49
N ALA A 93 11.74 -9.42 4.83
CA ALA A 93 11.73 -8.46 5.97
C ALA A 93 10.84 -7.25 5.66
N TYR A 94 10.91 -6.75 4.44
CA TYR A 94 10.05 -5.67 3.98
C TYR A 94 8.58 -6.05 4.08
N GLY A 95 8.26 -7.25 3.66
CA GLY A 95 6.90 -7.77 3.77
C GLY A 95 6.42 -7.76 5.19
N LEU A 96 7.25 -8.26 6.10
CA LEU A 96 6.88 -8.30 7.51
C LEU A 96 6.66 -6.90 8.05
N ALA A 97 7.50 -5.96 7.63
CA ALA A 97 7.32 -4.55 8.00
C ALA A 97 5.97 -4.01 7.55
N CYS A 98 5.62 -4.28 6.28
CA CYS A 98 4.32 -3.84 5.77
C CYS A 98 3.17 -4.45 6.55
N LEU A 99 3.29 -5.72 6.89
CA LEU A 99 2.25 -6.39 7.67
C LEU A 99 2.04 -5.65 8.99
N GLU A 100 3.14 -5.36 9.70
CA GLU A 100 3.03 -4.63 10.97
C GLU A 100 2.45 -3.23 10.81
N LEU A 101 2.83 -2.50 9.77
CA LEU A 101 2.31 -1.15 9.51
C LEU A 101 0.82 -1.17 9.29
N GLU A 102 0.35 -2.14 8.50
CA GLU A 102 -1.07 -2.22 8.17
C GLU A 102 -1.92 -2.74 9.33
N ALA A 103 -1.34 -3.60 10.18
CA ALA A 103 -1.99 -3.97 11.42
C ALA A 103 -2.31 -2.71 12.24
N GLY A 104 -1.44 -1.71 12.15
CA GLY A 104 -1.74 -0.37 12.63
C GLY A 104 -2.89 0.21 11.82
N ASP A 105 -2.66 0.50 10.55
CA ASP A 105 -3.70 1.04 9.68
C ASP A 105 -3.26 0.97 8.21
N SER A 106 -4.16 0.57 7.32
CA SER A 106 -3.84 0.51 5.89
C SER A 106 -3.49 1.88 5.30
N GLY A 107 -4.11 2.94 5.81
CA GLY A 107 -3.79 4.30 5.34
C GLY A 107 -2.36 4.69 5.57
N ILE A 108 -1.86 4.34 6.75
CA ILE A 108 -0.49 4.59 7.11
C ILE A 108 0.44 3.74 6.23
N ARG A 109 0.15 2.46 6.04
CA ARG A 109 0.96 1.63 5.17
C ARG A 109 0.92 2.18 3.73
N SER A 110 -0.24 2.73 3.32
CA SER A 110 -0.35 3.33 1.98
C SER A 110 0.61 4.50 1.75
N LEU A 111 0.75 5.37 2.75
CA LEU A 111 1.69 6.50 2.69
C LEU A 111 3.09 5.97 2.43
N VAL A 112 3.44 4.90 3.14
CA VAL A 112 4.74 4.25 3.00
C VAL A 112 4.90 3.55 1.64
N SER A 113 3.91 2.78 1.20
CA SER A 113 3.95 2.12 -0.13
C SER A 113 4.19 3.11 -1.27
N VAL A 114 3.47 4.24 -1.25
CA VAL A 114 3.60 5.24 -2.29
C VAL A 114 4.98 5.86 -2.21
N GLN A 115 5.43 6.20 -1.01
CA GLN A 115 6.77 6.81 -0.85
C GLN A 115 7.88 5.92 -1.38
N GLY A 116 7.90 4.66 -0.97
CA GLY A 116 9.03 3.81 -1.26
C GLY A 116 8.87 3.00 -2.53
N SER A 117 7.83 2.19 -2.60
CA SER A 117 7.68 1.23 -3.70
CA SER A 117 7.68 1.24 -3.69
C SER A 117 7.13 1.81 -5.00
N LEU A 118 6.60 3.05 -4.96
CA LEU A 118 6.11 3.73 -6.14
C LEU A 118 6.99 4.90 -6.52
N ALA A 119 6.98 5.97 -5.72
CA ALA A 119 7.70 7.21 -6.09
C ALA A 119 9.22 7.05 -6.04
N MET A 120 9.77 6.61 -4.89
CA MET A 120 11.21 6.36 -4.84
C MET A 120 11.67 5.28 -5.82
N TYR A 121 10.93 4.17 -5.86
CA TYR A 121 11.28 3.07 -6.76
C TYR A 121 11.37 3.56 -8.21
N ALA A 122 10.39 4.36 -8.65
CA ALA A 122 10.40 4.85 -10.02
C ALA A 122 11.70 5.62 -10.32
N ILE A 123 12.07 6.51 -9.42
CA ILE A 123 13.30 7.32 -9.54
C ILE A 123 14.54 6.41 -9.49
N HIS A 124 14.54 5.48 -8.53
CA HIS A 124 15.64 4.51 -8.36
C HIS A 124 15.85 3.68 -9.62
N ALA A 125 14.75 3.25 -10.25
CA ALA A 125 14.77 2.30 -11.36
C ALA A 125 14.96 2.95 -12.72
N PHE A 126 14.39 4.15 -12.90
CA PHE A 126 14.33 4.78 -14.21
C PHE A 126 14.91 6.17 -14.28
N GLY A 127 15.35 6.70 -13.14
CA GLY A 127 15.81 8.07 -13.07
C GLY A 127 17.24 8.21 -13.53
N SER A 128 17.59 9.43 -13.88
CA SER A 128 18.99 9.82 -14.07
C SER A 128 19.71 9.85 -12.72
N ASP A 129 21.05 9.85 -12.76
CA ASP A 129 21.80 10.01 -11.52
C ASP A 129 21.45 11.34 -10.86
N GLU A 130 21.23 12.39 -11.66
CA GLU A 130 20.87 13.69 -11.10
C GLU A 130 19.57 13.62 -10.28
N GLN A 131 18.57 12.94 -10.85
CA GLN A 131 17.29 12.77 -10.14
C GLN A 131 17.42 11.93 -8.85
N LYS A 132 18.18 10.86 -8.93
CA LYS A 132 18.39 10.01 -7.79
C LYS A 132 19.08 10.76 -6.68
N ASP A 133 20.13 11.49 -7.04
CA ASP A 133 20.94 12.17 -6.05
C ASP A 133 20.17 13.36 -5.45
N GLN A 134 19.34 13.99 -6.27
CA GLN A 134 18.58 15.15 -5.79
C GLN A 134 17.47 14.75 -4.82
N TRP A 135 16.76 13.67 -5.14
CA TRP A 135 15.50 13.33 -4.48
C TRP A 135 15.60 12.20 -3.48
N LEU A 136 16.34 11.13 -3.78
CA LEU A 136 16.17 9.92 -2.97
C LEU A 136 16.59 10.05 -1.50
N PRO A 137 17.73 10.71 -1.19
CA PRO A 137 18.05 10.74 0.26
C PRO A 137 17.05 11.54 1.09
N ASP A 138 16.53 12.64 0.57
CA ASP A 138 15.51 13.39 1.30
C ASP A 138 14.12 12.69 1.35
N MET A 139 13.86 11.84 0.37
CA MET A 139 12.67 10.99 0.41
C MET A 139 12.82 9.87 1.44
N ALA A 140 14.01 9.30 1.52
CA ALA A 140 14.26 8.23 2.51
C ALA A 140 14.15 8.77 3.92
N SER A 141 14.51 10.03 4.15
CA SER A 141 14.41 10.61 5.48
C SER A 141 13.02 11.15 5.79
N GLY A 142 12.16 11.21 4.80
CA GLY A 142 10.83 11.74 4.97
C GLY A 142 10.72 13.24 4.87
N HIS A 143 11.85 13.91 4.64
CA HIS A 143 11.78 15.36 4.51
CA HIS A 143 11.97 15.37 4.45
C HIS A 143 11.17 15.85 3.21
N ARG A 144 11.14 15.01 2.17
CA ARG A 144 10.40 15.30 0.95
C ARG A 144 9.48 14.11 0.67
N ILE A 145 8.22 14.42 0.41
CA ILE A 145 7.19 13.42 0.19
C ILE A 145 6.90 13.29 -1.29
N GLY A 146 6.80 12.05 -1.76
CA GLY A 146 6.42 11.77 -3.15
C GLY A 146 5.00 11.24 -3.31
N CYS A 147 4.54 11.30 -4.56
CA CYS A 147 3.31 10.64 -4.97
C CYS A 147 3.51 10.11 -6.38
N PHE A 148 2.58 9.27 -6.81
CA PHE A 148 2.71 8.48 -8.03
C PHE A 148 1.42 8.70 -8.81
N GLY A 149 1.49 9.51 -9.87
CA GLY A 149 0.31 9.94 -10.61
C GLY A 149 0.10 9.05 -11.85
N LEU A 150 -0.61 7.96 -11.70
CA LEU A 150 -0.92 7.10 -12.85
C LEU A 150 -2.39 7.21 -13.21
N THR A 151 -3.25 6.91 -12.23
CA THR A 151 -4.71 6.91 -12.43
C THR A 151 -5.24 8.28 -12.79
N GLU A 152 -6.26 8.29 -13.64
CA GLU A 152 -6.99 9.47 -14.06
C GLU A 152 -8.47 9.24 -13.79
N PRO A 153 -9.25 10.30 -13.83
CA PRO A 153 -10.69 10.14 -13.62
C PRO A 153 -11.32 9.04 -14.48
N ASP A 154 -10.94 8.99 -15.78
CA ASP A 154 -11.52 8.04 -16.70
C ASP A 154 -10.68 6.79 -16.98
N HIS A 155 -9.48 6.69 -16.43
CA HIS A 155 -8.59 5.55 -16.69
C HIS A 155 -7.91 5.10 -15.42
N GLY A 156 -8.31 3.90 -14.97
CA GLY A 156 -7.80 3.30 -13.76
C GLY A 156 -7.27 1.91 -14.03
N SER A 157 -8.19 0.98 -14.28
CA SER A 157 -7.76 -0.39 -14.58
C SER A 157 -7.00 -0.51 -15.89
N ASP A 158 -7.23 0.42 -16.82
CA ASP A 158 -6.60 0.43 -18.13
C ASP A 158 -5.68 1.65 -18.28
N PRO A 159 -4.53 1.63 -17.60
CA PRO A 159 -3.64 2.82 -17.75
C PRO A 159 -3.05 3.00 -19.14
N ALA A 160 -3.06 1.98 -19.98
CA ALA A 160 -2.66 2.15 -21.38
C ALA A 160 -3.48 3.21 -22.10
N GLY A 161 -4.72 3.38 -21.66
CA GLY A 161 -5.61 4.41 -22.20
C GLY A 161 -5.46 5.81 -21.62
N MET A 162 -4.43 6.06 -20.84
CA MET A 162 -4.29 7.36 -20.13
C MET A 162 -4.27 8.49 -21.15
N ARG A 163 -4.81 9.64 -20.75
CA ARG A 163 -4.91 10.76 -21.66
C ARG A 163 -4.11 11.98 -21.24
N THR A 164 -3.52 11.95 -20.05
CA THR A 164 -2.53 13.01 -19.68
C THR A 164 -1.44 12.94 -20.73
N ARG A 165 -1.12 14.08 -21.32
CA ARG A 165 -0.16 14.12 -22.43
C ARG A 165 1.05 14.94 -22.07
N ALA A 166 2.19 14.59 -22.66
CA ALA A 166 3.38 15.40 -22.59
C ALA A 166 3.80 15.71 -24.02
N THR A 167 3.88 17.00 -24.30
CA THR A 167 4.19 17.48 -25.66
C THR A 167 5.44 18.30 -25.61
N ARG A 168 6.24 18.23 -26.66
CA ARG A 168 7.49 18.97 -26.69
C ARG A 168 7.23 20.41 -27.08
N SER A 169 8.00 21.29 -26.44
CA SER A 169 7.99 22.71 -26.74
C SER A 169 9.46 23.12 -26.66
N GLY A 170 10.09 23.23 -27.83
CA GLY A 170 11.53 23.45 -27.86
C GLY A 170 12.23 22.31 -27.15
N ASP A 171 13.04 22.66 -26.15
CA ASP A 171 13.74 21.69 -25.34
C ASP A 171 12.90 21.27 -24.13
N ASP A 172 11.76 21.91 -23.94
CA ASP A 172 10.92 21.64 -22.77
C ASP A 172 9.84 20.61 -23.11
N TRP A 173 9.20 20.13 -22.07
CA TRP A 173 7.95 19.39 -22.15
C TRP A 173 6.81 20.20 -21.52
N ILE A 174 5.61 20.07 -22.09
CA ILE A 174 4.41 20.63 -21.52
CA ILE A 174 4.40 20.62 -21.51
C ILE A 174 3.49 19.46 -21.14
N LEU A 175 3.17 19.36 -19.86
CA LEU A 175 2.34 18.26 -19.36
C LEU A 175 0.92 18.78 -19.11
N THR A 176 -0.07 18.13 -19.69
CA THR A 176 -1.45 18.55 -19.54
C THR A 176 -2.35 17.36 -19.25
N GLY A 177 -2.99 17.36 -18.09
CA GLY A 177 -3.98 16.35 -17.76
C GLY A 177 -4.33 16.37 -16.31
N THR A 178 -5.22 15.46 -15.93
CA THR A 178 -5.64 15.34 -14.55
C THR A 178 -5.39 13.91 -14.04
N LYS A 179 -4.79 13.80 -12.88
CA LYS A 179 -4.65 12.51 -12.21
C LYS A 179 -5.58 12.51 -11.03
N MET A 180 -6.09 11.32 -10.67
CA MET A 180 -7.14 11.25 -9.66
C MET A 180 -6.87 10.04 -8.73
N TRP A 181 -7.31 10.18 -7.47
CA TRP A 181 -7.11 9.16 -6.44
C TRP A 181 -5.65 8.98 -6.06
N ILE A 182 -4.90 10.08 -5.99
CA ILE A 182 -3.45 10.03 -5.84
C ILE A 182 -3.09 10.19 -4.37
N THR A 183 -2.58 9.10 -3.80
CA THR A 183 -2.20 9.07 -2.39
C THR A 183 -1.00 10.03 -2.16
N ASN A 184 -1.07 10.75 -1.05
CA ASN A 184 -0.09 11.77 -0.69
C ASN A 184 -0.10 13.02 -1.58
N GLY A 185 -1.00 13.11 -2.56
CA GLY A 185 -0.85 14.18 -3.55
C GLY A 185 -0.79 15.59 -2.99
N SER A 186 -1.66 15.91 -2.03
CA SER A 186 -1.77 17.27 -1.47
C SER A 186 -0.64 17.66 -0.53
N VAL A 187 0.12 16.67 -0.06
CA VAL A 187 1.25 16.93 0.82
C VAL A 187 2.60 16.61 0.12
N ALA A 188 2.56 16.30 -1.18
CA ALA A 188 3.76 15.87 -1.89
C ALA A 188 4.61 17.06 -2.32
N ASP A 189 5.92 16.91 -2.16
CA ASP A 189 6.92 17.82 -2.79
C ASP A 189 7.25 17.50 -4.25
N VAL A 190 7.10 16.24 -4.60
CA VAL A 190 7.41 15.71 -5.92
C VAL A 190 6.37 14.69 -6.34
N ALA A 191 6.01 14.75 -7.61
CA ALA A 191 5.04 13.83 -8.20
C ALA A 191 5.69 13.08 -9.36
N VAL A 192 5.65 11.74 -9.35
CA VAL A 192 6.10 10.98 -10.51
C VAL A 192 4.88 10.80 -11.37
N VAL A 193 4.82 11.49 -12.51
CA VAL A 193 3.62 11.59 -13.30
C VAL A 193 3.84 10.87 -14.64
N TRP A 194 2.89 10.00 -15.01
CA TRP A 194 2.92 9.21 -16.23
C TRP A 194 2.04 9.87 -17.28
N ALA A 195 2.55 9.95 -18.50
CA ALA A 195 1.85 10.66 -19.59
C ALA A 195 2.06 9.95 -20.91
N ARG A 196 1.11 10.11 -21.82
CA ARG A 196 1.29 9.63 -23.18
CA ARG A 196 1.31 9.61 -23.18
C ARG A 196 2.05 10.69 -24.00
N THR A 197 2.95 10.24 -24.86
CA THR A 197 3.67 11.10 -25.81
C THR A 197 3.54 10.47 -27.18
N ASP A 198 3.98 11.21 -28.19
CA ASP A 198 4.00 10.68 -29.55
C ASP A 198 4.88 9.44 -29.70
N GLU A 199 5.76 9.16 -28.74
CA GLU A 199 6.58 7.95 -28.86
C GLU A 199 6.34 6.95 -27.74
N GLY A 200 5.18 7.04 -27.10
CA GLY A 200 4.80 6.10 -26.06
C GLY A 200 4.70 6.72 -24.67
N ILE A 201 4.42 5.87 -23.70
CA ILE A 201 4.24 6.34 -22.32
C ILE A 201 5.59 6.78 -21.78
N ARG A 202 5.61 7.91 -21.09
CA ARG A 202 6.82 8.41 -20.44
C ARG A 202 6.47 8.84 -19.01
N GLY A 203 7.49 8.94 -18.15
CA GLY A 203 7.34 9.40 -16.77
C GLY A 203 8.22 10.62 -16.49
N PHE A 204 7.71 11.49 -15.63
CA PHE A 204 8.33 12.76 -15.30
C PHE A 204 8.38 12.96 -13.80
N VAL A 205 9.50 13.52 -13.37
CA VAL A 205 9.72 13.96 -12.01
C VAL A 205 9.24 15.41 -11.94
N VAL A 206 8.10 15.62 -11.28
CA VAL A 206 7.41 16.93 -11.33
C VAL A 206 7.44 17.55 -9.94
N PRO A 207 8.30 18.56 -9.73
CA PRO A 207 8.16 19.30 -8.47
C PRO A 207 6.77 19.90 -8.37
N THR A 208 6.13 19.75 -7.21
CA THR A 208 4.75 20.17 -7.08
C THR A 208 4.59 21.69 -6.98
N ASP A 209 5.69 22.44 -6.81
CA ASP A 209 5.66 23.88 -6.90
C ASP A 209 5.76 24.43 -8.33
N THR A 210 5.86 23.55 -9.32
CA THR A 210 5.96 24.00 -10.70
C THR A 210 4.67 24.76 -11.08
N PRO A 211 4.80 25.93 -11.72
CA PRO A 211 3.58 26.65 -12.14
C PRO A 211 2.66 25.79 -12.98
N GLY A 212 1.36 25.87 -12.71
CA GLY A 212 0.36 25.09 -13.43
C GLY A 212 -0.10 23.82 -12.75
N PHE A 213 0.63 23.41 -11.71
CA PHE A 213 0.37 22.18 -10.98
C PHE A 213 -0.41 22.50 -9.71
N THR A 214 -1.58 21.89 -9.56
CA THR A 214 -2.34 22.04 -8.31
C THR A 214 -2.77 20.66 -7.82
N ALA A 215 -2.95 20.56 -6.51
CA ALA A 215 -3.41 19.30 -5.88
C ALA A 215 -4.58 19.65 -4.96
N ASN A 216 -5.67 18.90 -5.11
CA ASN A 216 -6.91 19.12 -4.34
C ASN A 216 -7.24 17.86 -3.54
N THR A 217 -7.45 18.02 -2.24
CA THR A 217 -7.74 16.91 -1.36
C THR A 217 -9.18 16.41 -1.57
N ILE A 218 -9.32 15.09 -1.69
CA ILE A 218 -10.60 14.41 -1.82
C ILE A 218 -11.17 14.21 -0.43
N LYS A 219 -12.42 14.64 -0.27
CA LYS A 219 -13.11 14.61 1.03
CA LYS A 219 -13.08 14.57 1.04
C LYS A 219 -14.28 13.63 0.97
N SER A 220 -15.02 13.51 2.09
CA SER A 220 -16.16 12.59 2.19
C SER A 220 -15.77 11.12 1.94
N LYS A 221 -14.52 10.79 2.23
CA LYS A 221 -14.11 9.38 2.15
C LYS A 221 -14.73 8.52 3.24
N MET A 222 -15.10 7.29 2.88
CA MET A 222 -15.62 6.26 3.80
C MET A 222 -14.62 5.10 3.94
N SER A 223 -13.37 5.37 3.54
CA SER A 223 -12.29 4.37 3.51
C SER A 223 -10.99 5.15 3.43
N LEU A 224 -9.94 4.67 4.10
CA LEU A 224 -8.62 5.22 4.00
C LEU A 224 -8.56 6.66 4.49
N ARG A 225 -9.37 6.95 5.51
CA ARG A 225 -9.51 8.33 5.99
C ARG A 225 -8.22 8.82 6.67
N ALA A 226 -7.35 7.90 7.10
CA ALA A 226 -6.05 8.33 7.67
C ALA A 226 -4.95 8.33 6.62
N SER A 227 -5.30 8.83 5.44
CA SER A 227 -4.38 8.96 4.30
CA SER A 227 -4.34 9.01 4.36
C SER A 227 -4.84 10.20 3.56
N VAL A 228 -3.94 10.83 2.84
CA VAL A 228 -4.28 11.95 2.00
C VAL A 228 -4.48 11.41 0.59
N THR A 229 -5.61 11.69 -0.04
CA THR A 229 -5.90 11.21 -1.39
C THR A 229 -6.33 12.42 -2.19
N SER A 230 -5.78 12.61 -3.41
CA SER A 230 -5.90 13.89 -4.11
C SER A 230 -6.18 13.77 -5.59
N GLU A 231 -6.71 14.87 -6.13
CA GLU A 231 -6.72 15.13 -7.56
C GLU A 231 -5.46 15.95 -7.89
N LEU A 232 -4.73 15.60 -8.95
CA LEU A 232 -3.62 16.44 -9.45
C LEU A 232 -4.04 17.04 -10.75
N VAL A 233 -3.98 18.37 -10.84
CA VAL A 233 -4.30 19.05 -12.10
C VAL A 233 -3.00 19.58 -12.67
N LEU A 234 -2.64 19.11 -13.84
CA LEU A 234 -1.43 19.54 -14.55
C LEU A 234 -1.93 20.41 -15.70
N ASP A 235 -1.98 21.72 -15.47
CA ASP A 235 -2.62 22.65 -16.41
C ASP A 235 -1.57 23.30 -17.28
N GLY A 236 -0.97 22.49 -18.14
CA GLY A 236 0.13 22.94 -19.01
C GLY A 236 1.35 23.26 -18.18
N VAL A 237 1.87 22.25 -17.50
CA VAL A 237 3.06 22.37 -16.63
C VAL A 237 4.30 22.19 -17.48
N ARG A 238 5.15 23.19 -17.47
CA ARG A 238 6.33 23.24 -18.32
C ARG A 238 7.54 22.71 -17.54
N LEU A 239 8.21 21.71 -18.11
CA LEU A 239 9.36 21.07 -17.48
C LEU A 239 10.52 20.96 -18.48
N PRO A 240 11.76 21.02 -17.98
CA PRO A 240 12.90 20.74 -18.88
C PRO A 240 12.98 19.26 -19.26
N ASP A 241 13.70 18.92 -20.33
CA ASP A 241 13.83 17.49 -20.66
C ASP A 241 14.48 16.70 -19.55
N SER A 242 15.28 17.35 -18.70
CA SER A 242 15.96 16.68 -17.61
C SER A 242 14.97 16.14 -16.56
N ALA A 243 13.70 16.55 -16.64
CA ALA A 243 12.63 16.07 -15.73
C ALA A 243 12.11 14.70 -16.15
N ARG A 244 12.39 14.32 -17.39
CA ARG A 244 11.92 13.01 -17.88
C ARG A 244 12.74 11.91 -17.23
N LEU A 245 12.10 10.82 -16.86
CA LEU A 245 12.80 9.62 -16.39
C LEU A 245 13.41 8.92 -17.59
N PRO A 246 14.76 8.95 -17.72
CA PRO A 246 15.33 8.43 -18.96
C PRO A 246 15.10 6.96 -19.20
N GLY A 247 14.96 6.16 -18.14
CA GLY A 247 14.90 4.72 -18.30
C GLY A 247 13.50 4.19 -18.57
N ALA A 248 12.50 5.08 -18.49
CA ALA A 248 11.10 4.69 -18.67
C ALA A 248 10.67 4.95 -20.10
N THR A 249 10.46 3.87 -20.86
CA THR A 249 10.18 4.03 -22.30
C THR A 249 8.88 3.33 -22.75
N SER A 250 8.11 2.82 -21.81
CA SER A 250 6.86 2.15 -22.15
C SER A 250 5.98 2.02 -20.93
N LEU A 251 4.76 1.52 -21.12
CA LEU A 251 3.84 1.21 -20.01
C LEU A 251 4.47 0.23 -19.03
N GLY A 252 5.41 -0.59 -19.49
CA GLY A 252 6.06 -1.48 -18.55
C GLY A 252 6.76 -0.80 -17.38
N ALA A 253 7.20 0.45 -17.55
CA ALA A 253 7.86 1.17 -16.42
C ALA A 253 6.89 1.39 -15.24
N PRO A 254 5.73 2.02 -15.46
CA PRO A 254 4.87 2.16 -14.29
C PRO A 254 4.40 0.81 -13.73
N LEU A 255 4.17 -0.15 -14.62
CA LEU A 255 3.78 -1.48 -14.19
C LEU A 255 4.82 -2.17 -13.34
N ARG A 256 6.10 -1.97 -13.61
CA ARG A 256 7.13 -2.53 -12.71
C ARG A 256 7.02 -1.94 -11.31
N CYS A 257 6.72 -0.65 -11.23
CA CYS A 257 6.55 0.02 -9.94
C CYS A 257 5.35 -0.62 -9.22
N LEU A 258 4.24 -0.78 -9.92
CA LEU A 258 3.05 -1.40 -9.31
C LEU A 258 3.36 -2.78 -8.75
N ASN A 259 4.15 -3.55 -9.48
CA ASN A 259 4.48 -4.89 -9.00
C ASN A 259 5.32 -4.86 -7.74
N GLU A 260 6.14 -3.85 -7.58
CA GLU A 260 6.84 -3.67 -6.30
CA GLU A 260 6.87 -3.69 -6.31
C GLU A 260 5.89 -3.34 -5.17
N ALA A 261 5.00 -2.39 -5.40
CA ALA A 261 4.02 -2.01 -4.39
C ALA A 261 3.04 -3.13 -4.03
N ARG A 262 2.57 -3.85 -5.04
CA ARG A 262 1.67 -5.00 -4.85
C ARG A 262 2.24 -6.01 -3.92
N PHE A 263 3.55 -6.29 -4.04
CA PHE A 263 4.22 -7.23 -3.15
C PHE A 263 4.09 -6.83 -1.70
N GLY A 264 4.28 -5.54 -1.41
CA GLY A 264 4.15 -5.08 -0.04
C GLY A 264 2.69 -5.27 0.44
N ILE A 265 1.72 -5.07 -0.42
CA ILE A 265 0.29 -5.26 -0.08
C ILE A 265 -0.06 -6.71 0.20
N VAL A 266 0.59 -7.63 -0.50
CA VAL A 266 0.41 -9.06 -0.24
C VAL A 266 0.61 -9.38 1.26
N PHE A 267 1.66 -8.79 1.85
CA PHE A 267 1.89 -8.90 3.29
C PHE A 267 0.99 -7.95 4.10
N GLY A 268 0.90 -6.68 3.66
CA GLY A 268 0.17 -5.66 4.39
C GLY A 268 -1.25 -6.04 4.72
N ALA A 269 -1.97 -6.57 3.74
CA ALA A 269 -3.38 -6.89 3.98
C ALA A 269 -3.54 -7.89 5.12
N LEU A 270 -2.57 -8.78 5.27
CA LEU A 270 -2.60 -9.78 6.35
C LEU A 270 -2.47 -9.16 7.73
N GLY A 271 -1.85 -7.97 7.84
CA GLY A 271 -1.76 -7.27 9.12
C GLY A 271 -3.11 -6.77 9.58
N ALA A 272 -3.89 -6.18 8.67
CA ALA A 272 -5.26 -5.78 8.98
C ALA A 272 -6.05 -7.04 9.37
N ALA A 273 -5.89 -8.11 8.61
CA ALA A 273 -6.59 -9.38 8.95
C ALA A 273 -6.22 -9.86 10.33
N ARG A 274 -4.93 -9.91 10.60
CA ARG A 274 -4.45 -10.35 11.93
C ARG A 274 -5.03 -9.56 13.07
N ASP A 275 -5.01 -8.23 12.95
CA ASP A 275 -5.51 -7.37 13.99
C ASP A 275 -6.98 -7.68 14.24
N CYS A 276 -7.75 -7.88 13.17
CA CYS A 276 -9.15 -8.24 13.32
C CYS A 276 -9.34 -9.63 13.95
N LEU A 277 -8.58 -10.61 13.48
CA LEU A 277 -8.68 -11.98 14.01
C LEU A 277 -8.31 -12.00 15.49
N GLU A 278 -7.21 -11.33 15.87
CA GLU A 278 -6.80 -11.26 17.27
C GLU A 278 -7.89 -10.61 18.15
N THR A 279 -8.52 -9.60 17.60
CA THR A 279 -9.60 -8.90 18.27
C THR A 279 -10.77 -9.87 18.53
N ALA A 280 -11.17 -10.59 17.50
CA ALA A 280 -12.28 -11.54 17.59
C ALA A 280 -11.95 -12.69 18.53
N LEU A 281 -10.71 -13.18 18.51
CA LEU A 281 -10.29 -14.27 19.39
C LEU A 281 -10.34 -13.86 20.86
N ALA A 282 -9.82 -12.66 21.15
CA ALA A 282 -9.84 -12.16 22.52
C ALA A 282 -11.26 -11.95 23.02
N TYR A 283 -12.10 -11.38 22.15
CA TYR A 283 -13.48 -11.10 22.51
C TYR A 283 -14.24 -12.40 22.72
N ALA A 284 -13.96 -13.40 21.89
CA ALA A 284 -14.69 -14.69 21.99
C ALA A 284 -14.38 -15.39 23.31
N CYS A 285 -13.21 -15.11 23.87
CA CYS A 285 -12.84 -15.70 25.16
C CYS A 285 -13.38 -14.86 26.35
N SER A 286 -13.54 -13.56 26.18
CA SER A 286 -13.96 -12.67 27.25
C SER A 286 -15.47 -12.49 27.35
N ARG A 287 -16.13 -12.31 26.21
CA ARG A 287 -17.56 -12.09 26.19
C ARG A 287 -18.34 -13.37 26.43
N GLU A 288 -19.25 -13.30 27.41
CA GLU A 288 -20.15 -14.41 27.73
CA GLU A 288 -20.15 -14.41 27.73
C GLU A 288 -21.55 -14.10 27.28
N GLN A 289 -22.24 -15.13 26.83
CA GLN A 289 -23.65 -15.00 26.54
C GLN A 289 -24.28 -16.40 26.70
N PHE A 290 -25.50 -16.46 27.20
CA PHE A 290 -26.13 -17.74 27.50
C PHE A 290 -25.24 -18.60 28.43
N ASP A 291 -24.56 -17.94 29.36
CA ASP A 291 -23.79 -18.59 30.43
C ASP A 291 -22.53 -19.34 29.95
N ARG A 292 -21.98 -18.92 28.84
CA ARG A 292 -20.65 -19.37 28.48
C ARG A 292 -19.92 -18.36 27.62
N PRO A 293 -18.60 -18.48 27.54
CA PRO A 293 -17.90 -17.59 26.60
C PRO A 293 -18.43 -17.83 25.22
N ILE A 294 -18.63 -16.78 24.43
CA ILE A 294 -19.21 -17.00 23.10
C ILE A 294 -18.31 -17.86 22.23
N GLY A 295 -17.01 -17.87 22.53
CA GLY A 295 -16.11 -18.83 21.88
C GLY A 295 -16.41 -20.30 22.15
N GLY A 296 -17.29 -20.61 23.10
CA GLY A 296 -17.72 -21.95 23.39
C GLY A 296 -18.91 -22.43 22.59
N PHE A 297 -19.39 -21.59 21.67
CA PHE A 297 -20.50 -21.99 20.76
C PHE A 297 -19.92 -22.44 19.41
N GLN A 298 -20.52 -23.47 18.82
CA GLN A 298 -20.01 -23.99 17.55
C GLN A 298 -19.95 -22.95 16.44
N LEU A 299 -20.97 -22.10 16.35
CA LEU A 299 -20.98 -21.15 15.25
C LEU A 299 -19.83 -20.14 15.40
N THR A 300 -19.46 -19.83 16.63
CA THR A 300 -18.32 -18.94 16.86
C THR A 300 -17.03 -19.63 16.47
N GLN A 301 -16.88 -20.90 16.88
CA GLN A 301 -15.67 -21.67 16.54
C GLN A 301 -15.50 -21.83 15.02
N GLN A 302 -16.60 -22.00 14.29
CA GLN A 302 -16.54 -22.07 12.84
C GLN A 302 -15.89 -20.83 12.25
N LYS A 303 -16.36 -19.67 12.69
CA LYS A 303 -15.77 -18.40 12.25
C LYS A 303 -14.30 -18.31 12.60
N LEU A 304 -13.96 -18.61 13.84
CA LEU A 304 -12.55 -18.47 14.30
C LEU A 304 -11.64 -19.45 13.51
N ALA A 305 -12.11 -20.67 13.28
CA ALA A 305 -11.35 -21.65 12.49
C ALA A 305 -11.16 -21.18 11.05
N ASP A 306 -12.26 -20.74 10.42
CA ASP A 306 -12.20 -20.28 9.04
C ASP A 306 -11.28 -19.07 8.86
N MET A 307 -11.40 -18.09 9.74
CA MET A 307 -10.55 -16.92 9.68
C MET A 307 -9.09 -17.28 9.88
N THR A 308 -8.80 -18.15 10.85
CA THR A 308 -7.43 -18.54 11.14
C THR A 308 -6.82 -19.27 9.93
N LEU A 309 -7.63 -20.10 9.30
CA LEU A 309 -7.18 -20.81 8.09
C LEU A 309 -6.81 -19.82 7.01
N GLU A 310 -7.65 -18.83 6.73
CA GLU A 310 -7.35 -17.95 5.60
C GLU A 310 -6.18 -17.02 5.95
N TYR A 311 -6.09 -16.60 7.21
CA TYR A 311 -4.91 -15.84 7.62
C TYR A 311 -3.65 -16.66 7.45
N GLY A 312 -3.67 -17.89 7.95
CA GLY A 312 -2.47 -18.73 7.83
C GLY A 312 -2.09 -19.10 6.40
N LYS A 313 -3.06 -19.51 5.58
CA LYS A 313 -2.80 -19.79 4.16
C LYS A 313 -2.26 -18.55 3.48
N GLY A 314 -2.84 -17.39 3.80
CA GLY A 314 -2.39 -16.13 3.22
C GLY A 314 -0.98 -15.76 3.60
N PHE A 315 -0.63 -15.98 4.87
CA PHE A 315 0.73 -15.75 5.33
C PHE A 315 1.71 -16.72 4.65
N LEU A 316 1.39 -18.01 4.57
CA LEU A 316 2.29 -18.97 3.92
C LEU A 316 2.47 -18.59 2.43
N LEU A 317 1.41 -18.13 1.79
CA LEU A 317 1.52 -17.65 0.38
C LEU A 317 2.42 -16.44 0.29
N ALA A 318 2.19 -15.47 1.15
CA ALA A 318 3.06 -14.27 1.17
C ALA A 318 4.54 -14.62 1.39
N LEU A 319 4.79 -15.45 2.39
CA LEU A 319 6.17 -15.86 2.69
C LEU A 319 6.81 -16.58 1.49
N HIS A 320 6.08 -17.49 0.87
CA HIS A 320 6.55 -18.19 -0.31
C HIS A 320 6.93 -17.21 -1.43
N LEU A 321 6.06 -16.23 -1.65
CA LEU A 321 6.33 -15.23 -2.69
C LEU A 321 7.55 -14.39 -2.33
N GLY A 322 7.67 -14.01 -1.06
CA GLY A 322 8.84 -13.27 -0.62
C GLY A 322 10.12 -14.05 -0.76
N ARG A 323 10.09 -15.33 -0.40
CA ARG A 323 11.29 -16.17 -0.58
C ARG A 323 11.65 -16.24 -2.08
N GLN A 324 10.65 -16.34 -2.96
CA GLN A 324 10.91 -16.37 -4.39
C GLN A 324 11.53 -15.05 -4.85
N LYS A 325 10.99 -13.94 -4.33
CA LYS A 325 11.45 -12.61 -4.70
C LYS A 325 12.94 -12.42 -4.32
N ASP A 326 13.32 -12.89 -3.14
CA ASP A 326 14.71 -12.79 -2.69
C ASP A 326 15.62 -13.67 -3.52
N ALA A 327 15.08 -14.78 -4.02
CA ALA A 327 15.83 -15.72 -4.85
C ALA A 327 15.89 -15.28 -6.32
N GLY A 328 15.10 -14.28 -6.69
CA GLY A 328 15.08 -13.66 -8.04
C GLY A 328 14.10 -14.33 -8.98
N GLU A 329 13.15 -15.05 -8.39
CA GLU A 329 12.29 -15.96 -9.09
C GLU A 329 10.84 -15.47 -9.17
N LEU A 330 10.56 -14.16 -9.00
CA LEU A 330 9.11 -13.69 -8.82
C LEU A 330 8.43 -12.85 -9.96
N ALA A 331 7.51 -13.46 -10.70
CA ALA A 331 6.86 -12.81 -11.85
C ALA A 331 5.57 -12.06 -11.46
N PRO A 332 5.11 -11.13 -12.32
CA PRO A 332 3.87 -10.41 -11.97
C PRO A 332 2.64 -11.27 -11.72
N GLU A 333 2.48 -12.34 -12.52
CA GLU A 333 1.36 -13.25 -12.30
C GLU A 333 1.44 -13.97 -10.94
N GLN A 334 2.65 -14.14 -10.42
CA GLN A 334 2.82 -14.70 -9.06
C GLN A 334 2.44 -13.68 -8.00
N VAL A 335 2.90 -12.44 -8.13
CA VAL A 335 2.47 -11.35 -7.25
C VAL A 335 0.95 -11.28 -7.24
N SER A 336 0.32 -11.42 -8.41
CA SER A 336 -1.15 -11.35 -8.51
C SER A 336 -1.86 -12.44 -7.71
N LEU A 337 -1.29 -13.63 -7.64
CA LEU A 337 -1.83 -14.67 -6.74
C LEU A 337 -1.99 -14.11 -5.34
N GLY A 338 -0.91 -13.51 -4.82
CA GLY A 338 -0.92 -12.98 -3.46
C GLY A 338 -1.87 -11.80 -3.30
N LYS A 339 -1.87 -10.89 -4.27
CA LYS A 339 -2.70 -9.68 -4.17
C LYS A 339 -4.18 -10.07 -4.25
N LEU A 340 -4.55 -10.87 -5.24
CA LEU A 340 -5.92 -11.32 -5.38
C LEU A 340 -6.36 -12.00 -4.09
N ASN A 341 -5.57 -12.96 -3.62
CA ASN A 341 -6.00 -13.76 -2.50
C ASN A 341 -6.03 -12.97 -1.19
N ASN A 342 -4.89 -12.36 -0.84
CA ASN A 342 -4.74 -11.85 0.51
C ASN A 342 -5.65 -10.65 0.78
N VAL A 343 -5.92 -9.79 -0.22
CA VAL A 343 -6.79 -8.68 0.07
C VAL A 343 -8.26 -9.11 0.27
N ARG A 344 -8.78 -9.95 -0.64
CA ARG A 344 -10.17 -10.38 -0.46
C ARG A 344 -10.38 -11.27 0.74
N GLU A 345 -9.39 -12.08 1.09
CA GLU A 345 -9.53 -12.90 2.27
C GLU A 345 -9.39 -12.04 3.53
N ALA A 346 -8.53 -11.02 3.48
CA ALA A 346 -8.43 -10.09 4.62
C ALA A 346 -9.73 -9.34 4.90
N ILE A 347 -10.39 -8.86 3.85
CA ILE A 347 -11.60 -8.11 4.04
C ILE A 347 -12.73 -9.01 4.54
N GLU A 348 -12.76 -10.26 4.08
CA GLU A 348 -13.72 -11.22 4.62
C GLU A 348 -13.43 -11.52 6.09
N ILE A 349 -12.15 -11.62 6.48
CA ILE A 349 -11.82 -11.78 7.89
C ILE A 349 -12.32 -10.59 8.71
N ALA A 350 -12.08 -9.38 8.24
CA ALA A 350 -12.55 -8.21 8.96
C ALA A 350 -14.06 -8.19 9.16
N ARG A 351 -14.78 -8.48 8.08
CA ARG A 351 -16.24 -8.54 8.12
C ARG A 351 -16.74 -9.59 9.09
N THR A 352 -16.14 -10.77 9.06
CA THR A 352 -16.57 -11.87 9.94
C THR A 352 -16.26 -11.53 11.39
N ALA A 353 -15.09 -10.96 11.62
CA ALA A 353 -14.69 -10.58 12.96
C ALA A 353 -15.69 -9.58 13.55
N ARG A 354 -16.13 -8.63 12.75
CA ARG A 354 -17.07 -7.62 13.25
C ARG A 354 -18.35 -8.31 13.78
N THR A 355 -18.80 -9.36 13.12
CA THR A 355 -20.02 -10.04 13.55
C THR A 355 -19.87 -10.68 14.94
N VAL A 356 -18.67 -11.13 15.25
CA VAL A 356 -18.36 -11.79 16.52
C VAL A 356 -18.46 -10.77 17.65
N LEU A 357 -18.14 -9.50 17.36
CA LEU A 357 -18.20 -8.43 18.38
C LEU A 357 -19.59 -7.92 18.67
N GLY A 358 -20.57 -8.33 17.87
CA GLY A 358 -21.94 -7.82 18.06
C GLY A 358 -21.93 -6.30 17.98
N ALA A 359 -22.79 -5.66 18.75
CA ALA A 359 -22.96 -4.21 18.67
C ALA A 359 -21.66 -3.51 19.00
N SER A 360 -20.89 -4.04 19.95
CA SER A 360 -19.60 -3.41 20.31
CA SER A 360 -19.62 -3.38 20.32
C SER A 360 -18.71 -3.17 19.11
N GLY A 361 -18.87 -4.01 18.08
CA GLY A 361 -18.09 -3.93 16.87
C GLY A 361 -18.38 -2.78 15.95
N ILE A 362 -19.46 -2.04 16.19
CA ILE A 362 -19.82 -0.93 15.32
C ILE A 362 -19.21 0.40 15.69
N THR A 363 -18.40 0.48 16.77
CA THR A 363 -17.76 1.79 17.07
C THR A 363 -16.25 1.66 16.94
N GLY A 364 -15.55 2.79 17.06
CA GLY A 364 -14.07 2.74 17.05
C GLY A 364 -13.45 2.31 18.38
N GLU A 365 -14.24 1.87 19.33
CA GLU A 365 -13.73 1.13 20.53
C GLU A 365 -12.84 -0.05 20.06
N TYR A 366 -13.19 -0.66 18.92
CA TYR A 366 -12.45 -1.76 18.33
C TYR A 366 -12.03 -1.35 16.93
N PRO A 367 -10.93 -1.97 16.40
CA PRO A 367 -10.37 -1.53 15.12
C PRO A 367 -11.02 -2.12 13.88
N VAL A 368 -11.98 -3.03 14.06
CA VAL A 368 -12.46 -3.88 12.98
C VAL A 368 -13.17 -3.12 11.83
N MET A 369 -14.07 -2.20 12.16
CA MET A 369 -14.76 -1.47 11.12
C MET A 369 -13.76 -0.59 10.34
N ARG A 370 -12.80 0.01 11.03
CA ARG A 370 -11.76 0.83 10.34
C ARG A 370 -10.99 -0.05 9.34
N HIS A 371 -10.53 -1.20 9.81
CA HIS A 371 -9.85 -2.15 8.94
C HIS A 371 -10.71 -2.58 7.75
N ALA A 372 -11.96 -2.95 8.00
CA ALA A 372 -12.85 -3.42 6.92
C ALA A 372 -13.08 -2.30 5.89
N ASN A 373 -13.31 -1.06 6.36
CA ASN A 373 -13.53 0.03 5.44
C ASN A 373 -12.26 0.37 4.66
N ASN A 374 -11.12 0.42 5.35
CA ASN A 374 -9.82 0.63 4.69
C ASN A 374 -9.58 -0.39 3.59
N LEU A 375 -9.88 -1.65 3.87
CA LEU A 375 -9.60 -2.70 2.91
C LEU A 375 -10.41 -2.59 1.64
N GLU A 376 -11.51 -1.83 1.66
CA GLU A 376 -12.18 -1.53 0.40
C GLU A 376 -11.23 -0.87 -0.60
N SER A 377 -10.44 0.12 -0.15
CA SER A 377 -9.50 0.79 -1.06
C SER A 377 -8.40 -0.15 -1.49
N VAL A 378 -7.92 -0.99 -0.57
CA VAL A 378 -6.83 -1.90 -0.87
C VAL A 378 -7.28 -2.95 -1.90
N LEU A 379 -8.55 -3.35 -1.84
CA LEU A 379 -9.15 -4.32 -2.77
C LEU A 379 -9.16 -3.77 -4.20
N THR A 380 -9.36 -2.45 -4.31
CA THR A 380 -9.53 -1.77 -5.60
C THR A 380 -8.20 -1.27 -6.19
N TYR A 381 -7.36 -0.69 -5.33
CA TYR A 381 -6.16 -0.08 -5.84
C TYR A 381 -5.05 -1.03 -6.17
N GLU A 382 -4.05 -0.60 -6.92
CA GLU A 382 -2.98 -1.51 -7.35
CA GLU A 382 -2.98 -1.49 -7.39
C GLU A 382 -3.53 -2.72 -8.11
N GLY A 383 -4.60 -2.48 -8.87
CA GLY A 383 -5.24 -3.53 -9.64
C GLY A 383 -6.38 -4.12 -8.85
N THR A 384 -7.58 -4.04 -9.40
CA THR A 384 -8.75 -4.58 -8.73
C THR A 384 -8.66 -6.13 -8.66
N SER A 385 -9.55 -6.74 -7.88
CA SER A 385 -9.63 -8.21 -7.87
C SER A 385 -9.80 -8.77 -9.29
N GLU A 386 -10.60 -8.11 -10.12
CA GLU A 386 -10.83 -8.58 -11.48
C GLU A 386 -9.55 -8.50 -12.31
N MET A 387 -8.80 -7.42 -12.15
CA MET A 387 -7.54 -7.31 -12.89
C MET A 387 -6.59 -8.45 -12.52
N HIS A 388 -6.45 -8.73 -11.24
CA HIS A 388 -5.57 -9.83 -10.85
C HIS A 388 -6.05 -11.20 -11.29
N THR A 389 -7.35 -11.42 -11.27
CA THR A 389 -7.93 -12.64 -11.84
C THR A 389 -7.51 -12.82 -13.30
N LEU A 390 -7.59 -11.76 -14.09
CA LEU A 390 -7.28 -11.79 -15.51
C LEU A 390 -5.77 -11.90 -15.76
N ILE A 391 -4.94 -11.33 -14.90
CA ILE A 391 -3.50 -11.52 -15.00
C ILE A 391 -3.14 -12.98 -14.78
N ILE A 392 -3.72 -13.59 -13.76
CA ILE A 392 -3.46 -14.99 -13.46
C ILE A 392 -4.04 -15.85 -14.59
N GLY A 393 -5.25 -15.52 -15.03
CA GLY A 393 -5.89 -16.25 -16.12
C GLY A 393 -5.10 -16.27 -17.40
N GLN A 394 -4.56 -15.12 -17.76
CA GLN A 394 -3.74 -15.03 -18.95
C GLN A 394 -2.50 -15.87 -18.81
N ALA A 395 -1.89 -15.87 -17.64
CA ALA A 395 -0.70 -16.70 -17.38
C ALA A 395 -1.03 -18.19 -17.54
N LEU A 396 -2.18 -18.60 -16.97
CA LEU A 396 -2.61 -20.01 -17.03
C LEU A 396 -3.03 -20.50 -18.42
N THR A 397 -3.58 -19.64 -19.24
CA THR A 397 -4.17 -20.06 -20.50
C THR A 397 -3.40 -19.62 -21.71
N GLY A 398 -2.54 -18.61 -21.57
CA GLY A 398 -1.87 -17.97 -22.69
C GLY A 398 -2.74 -17.00 -23.50
N VAL A 399 -3.97 -16.71 -23.04
CA VAL A 399 -4.95 -15.91 -23.78
C VAL A 399 -5.39 -14.75 -22.87
N GLY A 400 -5.28 -13.52 -23.36
CA GLY A 400 -5.80 -12.36 -22.61
C GLY A 400 -7.31 -12.30 -22.73
N ALA A 401 -7.96 -11.95 -21.62
CA ALA A 401 -9.41 -11.79 -21.59
C ALA A 401 -9.80 -10.43 -20.99
N PHE A 402 -8.92 -9.43 -21.10
CA PHE A 402 -9.24 -8.10 -20.62
C PHE A 402 -10.27 -7.43 -21.51
N ARG A 403 -10.14 -7.69 -22.81
CA ARG A 403 -11.08 -7.29 -23.83
C ARG A 403 -11.65 -8.61 -24.37
#